data_4HZW
#
_entry.id   4HZW
#
_cell.length_a   105.977
_cell.length_b   105.977
_cell.length_c   66.799
_cell.angle_alpha   90.00
_cell.angle_beta   90.00
_cell.angle_gamma   90.00
#
_symmetry.space_group_name_H-M   'I 4'
#
loop_
_entity.id
_entity.type
_entity.pdbx_description
1 polymer Neuraminidase
2 branched 2-acetamido-2-deoxy-beta-D-glucopyranose-(1-4)-[alpha-L-fucopyranose-(1-6)]2-acetamido-2-deoxy-beta-D-glucopyranose
3 non-polymer 'CALCIUM ION'
4 non-polymer '5-acetamido-2,6-anhydro-4-carbamimidamido-3,4,5-trideoxy-7-O-methyl-D-glycero-D-galacto-non-2-enonic acid'
5 water water
#
_entity_poly.entity_id   1
_entity_poly.type   'polypeptide(L)'
_entity_poly.pdbx_seq_one_letter_code
;FRPFKSPLPLCPFRGFFPFHKDNAIRLGENKDVIVTREPYVSCDNDNCWSFALAQGALLGTKHSNGTIKDRTPYRSLIRF
PIGTAPVLGNYKEICIAWSSSSCFDGKEWMHVCMTGNDNDASAQIIYGGRMTDSIKSWRKDILRTQESECQCIDGTCVVA
VTDGPAANSADYRVYWIREGKIIKYENVPKTKIQHLEECSCYVDIDVYCICRDNWKGSNRPWMRINNETILETGYVCSKF
HSDTPRPADPSTMSCDSPSNVNGGPGVKGFGFKAGDDVWLGRTVSTSGRSGFEIIKVTEGWINSPNHVKSITQTLVSNND
WSGYSGSFIVKAKDCFQPCFYVELIRGRPNKNDDVSWTSNSIVTFCGLDNEPGSGNWPDGSNIGFMPK
;
_entity_poly.pdbx_strand_id   A
#
# COMPACT_ATOMS: atom_id res chain seq x y z
N PHE A 1 -9.53 21.28 20.77
CA PHE A 1 -9.17 19.94 21.24
C PHE A 1 -9.71 18.86 20.31
N ARG A 2 -8.86 17.87 20.01
CA ARG A 2 -9.26 16.75 19.16
C ARG A 2 -8.98 15.43 19.87
N PRO A 3 -9.96 14.53 19.91
CA PRO A 3 -9.75 13.24 20.56
C PRO A 3 -8.91 12.32 19.68
N PHE A 4 -8.22 11.35 20.29
CA PHE A 4 -7.57 10.31 19.51
C PHE A 4 -8.62 9.53 18.73
N LYS A 5 -8.25 9.11 17.53
CA LYS A 5 -9.07 8.23 16.72
C LYS A 5 -9.42 6.92 17.44
N SER A 6 -10.67 6.49 17.32
CA SER A 6 -11.23 5.35 18.05
C SER A 6 -11.31 4.08 17.20
N PRO A 7 -11.46 2.92 17.86
CA PRO A 7 -11.54 1.61 17.19
C PRO A 7 -12.91 1.32 16.58
N LEU A 8 -13.31 2.08 15.57
CA LEU A 8 -14.65 1.89 14.98
C LEU A 8 -14.70 0.69 14.03
N PRO A 9 -15.91 0.15 13.81
CA PRO A 9 -16.10 -0.91 12.83
C PRO A 9 -16.05 -0.35 11.41
N LEU A 10 -15.83 -1.23 10.43
CA LEU A 10 -15.85 -0.84 9.02
C LEU A 10 -17.30 -0.60 8.60
N CYS A 11 -17.52 0.41 7.77
CA CYS A 11 -18.87 0.69 7.26
C CYS A 11 -19.33 -0.44 6.34
N PRO A 12 -20.65 -0.63 6.23
CA PRO A 12 -21.12 -1.60 5.24
C PRO A 12 -20.86 -1.06 3.83
N PHE A 13 -20.60 -1.96 2.89
CA PHE A 13 -20.36 -1.54 1.51
C PHE A 13 -20.62 -2.71 0.57
N ARG A 14 -20.98 -2.40 -0.67
CA ARG A 14 -21.21 -3.45 -1.66
C ARG A 14 -20.57 -3.15 -3.00
N GLY A 15 -19.80 -2.08 -3.07
CA GLY A 15 -19.08 -1.77 -4.30
C GLY A 15 -18.19 -0.56 -4.12
N PHE A 16 -17.31 -0.35 -5.09
CA PHE A 16 -16.35 0.76 -5.01
C PHE A 16 -16.54 1.78 -6.12
N PHE A 17 -16.27 3.04 -5.79
CA PHE A 17 -16.66 4.17 -6.63
C PHE A 17 -15.46 5.09 -6.84
N PRO A 18 -15.33 5.66 -8.06
CA PRO A 18 -14.18 6.53 -8.36
C PRO A 18 -14.20 7.81 -7.55
N PHE A 19 -13.05 8.15 -6.96
CA PHE A 19 -12.95 9.21 -5.98
C PHE A 19 -12.10 10.35 -6.56
N HIS A 20 -10.78 10.23 -6.40
CA HIS A 20 -9.81 11.22 -6.90
C HIS A 20 -8.87 10.59 -7.93
N LYS A 21 -8.44 11.37 -8.92
CA LYS A 21 -7.46 10.88 -9.90
C LYS A 21 -6.52 12.01 -10.28
N ASP A 22 -5.21 11.79 -10.22
CA ASP A 22 -4.32 12.93 -10.43
C ASP A 22 -3.78 13.17 -11.84
N ASN A 23 -3.83 12.15 -12.71
CA ASN A 23 -3.40 12.34 -14.09
C ASN A 23 -1.99 12.94 -14.13
N ALA A 24 -1.15 12.55 -13.17
CA ALA A 24 0.14 13.21 -12.97
C ALA A 24 1.10 13.08 -14.15
N ILE A 25 1.09 11.93 -14.82
CA ILE A 25 2.03 11.76 -15.94
C ILE A 25 1.59 12.66 -17.10
N ARG A 26 0.30 12.61 -17.44
CA ARG A 26 -0.24 13.50 -18.47
C ARG A 26 0.12 14.96 -18.21
N LEU A 27 -0.05 15.39 -16.96
CA LEU A 27 0.21 16.78 -16.59
C LEU A 27 1.69 17.09 -16.46
N GLY A 28 2.52 16.05 -16.52
CA GLY A 28 3.95 16.22 -16.37
C GLY A 28 4.68 16.34 -17.70
N GLU A 29 3.90 16.43 -18.78
CA GLU A 29 4.47 16.50 -20.12
C GLU A 29 5.45 17.66 -20.31
N ASN A 30 5.25 18.75 -19.56
CA ASN A 30 6.11 19.92 -19.70
C ASN A 30 7.13 20.05 -18.56
N LYS A 31 7.42 18.92 -17.92
CA LYS A 31 8.48 18.81 -16.90
C LYS A 31 8.20 19.54 -15.59
N ASP A 32 6.93 19.67 -15.23
CA ASP A 32 6.56 20.34 -13.98
C ASP A 32 6.47 19.38 -12.80
N VAL A 33 6.30 18.10 -13.11
CA VAL A 33 5.90 17.13 -12.10
C VAL A 33 7.09 16.39 -11.50
N ILE A 34 7.07 16.23 -10.19
CA ILE A 34 8.11 15.50 -9.47
C ILE A 34 8.02 14.00 -9.75
N VAL A 35 9.16 13.36 -10.00
CA VAL A 35 9.18 11.91 -10.19
C VAL A 35 8.89 11.21 -8.87
N THR A 36 7.99 10.24 -8.90
CA THR A 36 7.62 9.51 -7.68
C THR A 36 7.46 8.01 -7.95
N ARG A 37 7.32 7.24 -6.88
CA ARG A 37 6.72 5.90 -6.91
C ARG A 37 6.27 5.56 -5.49
N GLU A 38 5.63 4.40 -5.32
CA GLU A 38 5.13 3.97 -4.02
C GLU A 38 4.26 5.04 -3.37
N PRO A 39 3.20 5.47 -4.07
CA PRO A 39 2.31 6.47 -3.50
C PRO A 39 1.33 5.80 -2.53
N TYR A 40 0.70 6.63 -1.71
CA TYR A 40 -0.44 6.20 -0.91
C TYR A 40 -1.28 7.39 -0.48
N VAL A 41 -2.35 7.10 0.24
CA VAL A 41 -3.28 8.13 0.69
C VAL A 41 -3.50 7.97 2.18
N SER A 42 -3.59 9.09 2.89
CA SER A 42 -3.95 9.05 4.30
C SER A 42 -4.62 10.36 4.64
N CYS A 43 -5.54 10.32 5.59
CA CYS A 43 -6.36 11.50 5.87
C CYS A 43 -6.22 11.95 7.32
N ASP A 44 -6.35 13.25 7.54
CA ASP A 44 -6.51 13.76 8.90
C ASP A 44 -7.94 14.25 9.12
N ASN A 45 -8.15 15.11 10.11
CA ASN A 45 -9.50 15.59 10.40
C ASN A 45 -10.05 16.50 9.31
N ASP A 46 -9.16 17.14 8.56
CA ASP A 46 -9.57 18.20 7.64
C ASP A 46 -9.43 17.84 6.15
N ASN A 47 -8.49 16.95 5.84
CA ASN A 47 -8.12 16.70 4.45
C ASN A 47 -7.61 15.29 4.24
N CYS A 48 -7.87 14.74 3.07
CA CYS A 48 -7.14 13.55 2.64
C CYS A 48 -5.95 14.02 1.81
N TRP A 49 -4.82 13.30 1.91
CA TRP A 49 -3.58 13.71 1.25
C TRP A 49 -3.00 12.59 0.41
N SER A 50 -2.36 12.95 -0.69
CA SER A 50 -1.47 12.03 -1.40
C SER A 50 -0.08 12.07 -0.78
N PHE A 51 0.52 10.90 -0.60
CA PHE A 51 1.92 10.77 -0.21
C PHE A 51 2.62 9.97 -1.29
N ALA A 52 3.92 10.16 -1.45
CA ALA A 52 4.70 9.31 -2.34
C ALA A 52 6.18 9.46 -2.05
N LEU A 53 6.96 8.48 -2.52
CA LEU A 53 8.41 8.58 -2.42
C LEU A 53 8.93 9.27 -3.65
N ALA A 54 9.36 10.52 -3.49
CA ALA A 54 9.91 11.27 -4.61
C ALA A 54 11.30 10.75 -4.93
N GLN A 55 11.82 11.15 -6.09
CA GLN A 55 13.14 10.73 -6.54
C GLN A 55 14.09 11.91 -6.66
N GLY A 56 13.69 13.07 -6.14
CA GLY A 56 14.59 14.22 -6.14
C GLY A 56 14.88 14.72 -7.54
N ALA A 57 13.92 14.54 -8.45
CA ALA A 57 14.06 14.99 -9.82
C ALA A 57 12.70 15.29 -10.41
N LEU A 58 12.68 16.15 -11.41
CA LEU A 58 11.46 16.44 -12.18
C LEU A 58 11.35 15.52 -13.38
N LEU A 59 10.12 15.12 -13.70
CA LEU A 59 9.85 14.16 -14.77
C LEU A 59 10.30 14.70 -16.12
N GLY A 60 11.12 13.92 -16.82
CA GLY A 60 11.57 14.30 -18.15
C GLY A 60 12.84 15.13 -18.17
N THR A 61 13.40 15.41 -16.99
CA THR A 61 14.69 16.07 -16.93
C THR A 61 15.79 15.02 -16.96
N LYS A 62 17.04 15.46 -17.14
CA LYS A 62 18.13 14.49 -17.20
C LYS A 62 18.29 13.73 -15.89
N HIS A 63 18.00 14.38 -14.76
CA HIS A 63 18.11 13.70 -13.48
C HIS A 63 17.02 12.63 -13.28
N SER A 64 16.01 12.60 -14.13
CA SER A 64 14.97 11.57 -14.00
C SER A 64 15.38 10.26 -14.68
N ASN A 65 16.43 10.32 -15.48
CA ASN A 65 16.96 9.12 -16.16
C ASN A 65 17.43 8.09 -15.13
N GLY A 66 16.88 6.88 -15.19
CA GLY A 66 17.32 5.80 -14.30
C GLY A 66 16.60 5.73 -12.96
N THR A 67 15.47 6.43 -12.85
CA THR A 67 14.71 6.43 -11.60
C THR A 67 13.95 5.12 -11.33
N ILE A 68 14.20 4.09 -12.13
CA ILE A 68 13.70 2.77 -11.79
C ILE A 68 14.35 2.30 -10.48
N LYS A 69 15.54 2.83 -10.19
CA LYS A 69 16.28 2.45 -8.99
C LYS A 69 15.49 2.71 -7.70
N ASP A 70 15.47 1.72 -6.81
CA ASP A 70 14.55 1.76 -5.67
C ASP A 70 15.02 2.65 -4.52
N ARG A 71 16.32 2.63 -4.23
CA ARG A 71 16.83 3.29 -3.04
C ARG A 71 18.00 4.21 -3.35
N THR A 72 17.80 5.50 -3.09
CA THR A 72 18.86 6.49 -3.23
C THR A 72 18.71 7.47 -2.08
N PRO A 73 19.77 8.25 -1.81
CA PRO A 73 19.73 9.26 -0.75
C PRO A 73 18.84 10.45 -1.16
N TYR A 74 18.45 10.49 -2.43
CA TYR A 74 17.73 11.65 -2.97
C TYR A 74 16.23 11.41 -2.97
N ARG A 75 15.81 10.31 -2.34
CA ARG A 75 14.39 10.04 -2.19
C ARG A 75 13.88 10.58 -0.87
N SER A 76 12.72 11.24 -0.94
CA SER A 76 12.03 11.78 0.22
C SER A 76 10.56 11.39 0.18
N LEU A 77 9.97 11.17 1.35
CA LEU A 77 8.53 11.10 1.43
C LEU A 77 8.00 12.51 1.21
N ILE A 78 7.11 12.67 0.24
CA ILE A 78 6.48 13.99 0.02
C ILE A 78 4.96 13.87 0.18
N ARG A 79 4.32 14.99 0.47
CA ARG A 79 2.86 15.04 0.61
C ARG A 79 2.33 16.13 -0.31
N PHE A 80 1.18 15.88 -0.93
CA PHE A 80 0.58 16.86 -1.82
C PHE A 80 -0.94 16.68 -1.83
N PRO A 81 -1.68 17.72 -2.23
CA PRO A 81 -3.15 17.62 -2.15
C PRO A 81 -3.67 16.40 -2.91
N ILE A 82 -4.66 15.72 -2.33
CA ILE A 82 -5.12 14.48 -2.95
C ILE A 82 -5.66 14.76 -4.34
N GLY A 83 -5.27 13.93 -5.30
CA GLY A 83 -5.75 14.08 -6.65
C GLY A 83 -5.05 15.17 -7.45
N THR A 84 -4.08 15.86 -6.85
CA THR A 84 -3.25 16.78 -7.62
C THR A 84 -1.94 16.12 -8.02
N ALA A 85 -1.32 16.61 -9.08
CA ALA A 85 0.02 16.16 -9.43
C ALA A 85 1.01 16.84 -8.50
N PRO A 86 2.08 16.12 -8.12
CA PRO A 86 3.09 16.72 -7.24
C PRO A 86 4.00 17.67 -8.01
N VAL A 87 3.98 18.94 -7.63
CA VAL A 87 4.85 19.94 -8.25
C VAL A 87 5.57 20.74 -7.17
N LEU A 88 6.60 21.47 -7.57
CA LEU A 88 7.42 22.19 -6.61
C LEU A 88 6.58 23.22 -5.86
N GLY A 89 5.55 23.72 -6.51
CA GLY A 89 4.69 24.72 -5.90
C GLY A 89 3.65 24.19 -4.92
N ASN A 90 3.41 22.88 -4.89
CA ASN A 90 2.37 22.38 -3.99
C ASN A 90 2.80 21.31 -3.00
N TYR A 91 4.03 20.80 -3.12
CA TYR A 91 4.44 19.71 -2.26
C TYR A 91 5.02 20.12 -0.91
N LYS A 92 4.96 19.19 0.04
CA LYS A 92 5.70 19.33 1.29
C LYS A 92 6.61 18.12 1.41
N GLU A 93 7.81 18.33 1.92
CA GLU A 93 8.74 17.23 2.15
C GLU A 93 8.59 16.79 3.59
N ILE A 94 8.31 15.52 3.81
CA ILE A 94 8.03 15.01 5.15
C ILE A 94 9.33 14.55 5.82
N CYS A 95 10.12 13.79 5.07
CA CYS A 95 11.36 13.24 5.60
C CYS A 95 12.14 12.56 4.48
N ILE A 96 13.43 12.34 4.71
CA ILE A 96 14.24 11.56 3.78
C ILE A 96 13.83 10.10 3.92
N ALA A 97 13.54 9.45 2.81
CA ALA A 97 12.99 8.09 2.88
C ALA A 97 12.98 7.37 1.52
N TRP A 98 13.40 6.12 1.51
CA TRP A 98 13.13 5.25 0.36
C TRP A 98 12.15 4.12 0.70
N SER A 99 11.59 4.17 1.91
CA SER A 99 10.45 3.34 2.31
C SER A 99 9.76 4.10 3.42
N SER A 100 8.43 4.05 3.47
CA SER A 100 7.70 4.87 4.42
C SER A 100 6.31 4.38 4.80
N SER A 101 5.80 4.94 5.88
CA SER A 101 4.41 4.79 6.27
C SER A 101 4.01 6.10 6.96
N SER A 102 2.73 6.44 6.90
CA SER A 102 2.23 7.64 7.56
C SER A 102 0.85 7.34 8.13
N CYS A 103 0.53 7.96 9.25
CA CYS A 103 -0.84 7.88 9.76
C CYS A 103 -1.13 8.99 10.75
N PHE A 104 -2.40 9.35 10.85
CA PHE A 104 -2.84 10.44 11.71
C PHE A 104 -3.58 9.86 12.92
N ASP A 105 -3.18 10.25 14.13
CA ASP A 105 -3.74 9.61 15.32
C ASP A 105 -4.98 10.31 15.88
N GLY A 106 -5.44 11.35 15.18
CA GLY A 106 -6.56 12.16 15.64
C GLY A 106 -6.11 13.53 16.10
N LYS A 107 -4.84 13.61 16.51
CA LYS A 107 -4.24 14.86 16.95
C LYS A 107 -3.09 15.31 16.06
N GLU A 108 -2.18 14.37 15.75
CA GLU A 108 -0.99 14.69 14.97
C GLU A 108 -0.64 13.58 13.97
N TRP A 109 0.18 13.94 12.99
CA TRP A 109 0.69 12.98 12.02
C TRP A 109 1.91 12.25 12.55
N MET A 110 1.94 10.94 12.34
CA MET A 110 3.16 10.16 12.55
C MET A 110 3.66 9.65 11.20
N HIS A 111 4.98 9.62 11.04
CA HIS A 111 5.60 9.07 9.84
C HIS A 111 6.75 8.15 10.22
N VAL A 112 6.98 7.14 9.39
CA VAL A 112 8.10 6.22 9.55
C VAL A 112 8.89 6.30 8.26
N CYS A 113 10.16 6.68 8.36
CA CYS A 113 10.98 6.95 7.18
C CYS A 113 12.29 6.20 7.21
N MET A 114 12.49 5.27 6.27
CA MET A 114 13.74 4.51 6.19
C MET A 114 14.69 5.13 5.18
N THR A 115 15.95 5.31 5.54
CA THR A 115 16.95 5.75 4.56
C THR A 115 18.33 5.29 5.02
N GLY A 116 19.32 5.49 4.17
CA GLY A 116 20.68 5.05 4.45
C GLY A 116 21.08 3.83 3.65
N ASN A 117 22.26 3.30 3.95
CA ASN A 117 22.82 2.15 3.25
C ASN A 117 21.94 0.91 3.43
N ASP A 118 21.92 0.05 2.42
CA ASP A 118 21.14 -1.19 2.47
C ASP A 118 21.47 -2.02 3.69
N ASN A 119 22.74 -2.02 4.10
CA ASN A 119 23.18 -2.85 5.22
C ASN A 119 23.25 -2.13 6.57
N ASP A 120 22.72 -0.92 6.65
CA ASP A 120 22.81 -0.14 7.88
C ASP A 120 21.78 0.97 7.89
N ALA A 121 20.57 0.66 7.42
CA ALA A 121 19.53 1.66 7.36
C ALA A 121 18.96 1.95 8.74
N SER A 122 18.28 3.07 8.87
CA SER A 122 17.51 3.36 10.07
C SER A 122 16.18 3.98 9.67
N ALA A 123 15.17 3.75 10.51
CA ALA A 123 13.85 4.32 10.33
C ALA A 123 13.71 5.48 11.30
N GLN A 124 13.37 6.65 10.78
CA GLN A 124 13.13 7.78 11.65
C GLN A 124 11.64 7.88 11.91
N ILE A 125 11.28 8.05 13.18
CA ILE A 125 9.89 8.25 13.55
C ILE A 125 9.65 9.76 13.72
N ILE A 126 8.71 10.29 12.96
CA ILE A 126 8.35 11.70 13.02
C ILE A 126 6.95 11.81 13.58
N TYR A 127 6.76 12.72 14.54
CA TYR A 127 5.46 12.93 15.14
C TYR A 127 5.23 14.42 15.33
N GLY A 128 4.18 14.93 14.70
CA GLY A 128 3.91 16.37 14.76
C GLY A 128 5.06 17.20 14.24
N GLY A 129 5.78 16.65 13.26
CA GLY A 129 6.86 17.38 12.60
C GLY A 129 8.23 17.22 13.26
N ARG A 130 8.26 16.57 14.41
CA ARG A 130 9.50 16.39 15.15
C ARG A 130 9.98 14.95 15.10
N MET A 131 11.29 14.77 14.96
CA MET A 131 11.84 13.42 14.99
C MET A 131 11.92 12.96 16.44
N THR A 132 11.16 11.93 16.77
CA THR A 132 10.94 11.55 18.16
C THR A 132 11.58 10.21 18.53
N ASP A 133 11.83 9.36 17.54
CA ASP A 133 12.40 8.04 17.83
C ASP A 133 12.99 7.46 16.56
N SER A 134 13.60 6.28 16.68
CA SER A 134 14.15 5.62 15.50
C SER A 134 14.25 4.12 15.71
N ILE A 135 14.40 3.41 14.61
CA ILE A 135 14.62 1.96 14.62
C ILE A 135 15.87 1.68 13.80
N LYS A 136 16.84 0.98 14.38
CA LYS A 136 18.06 0.66 13.65
C LYS A 136 17.91 -0.72 13.03
N SER A 137 18.33 -0.86 11.78
CA SER A 137 18.30 -2.17 11.13
C SER A 137 19.04 -3.21 11.98
N TRP A 138 18.38 -4.34 12.22
CA TRP A 138 18.95 -5.37 13.09
C TRP A 138 19.37 -6.62 12.30
N ARG A 139 18.82 -6.79 11.10
CA ARG A 139 19.25 -7.85 10.20
C ARG A 139 20.18 -7.31 9.11
N LYS A 140 20.34 -5.98 9.09
CA LYS A 140 21.24 -5.33 8.15
C LYS A 140 20.94 -5.70 6.69
N ASP A 141 19.66 -5.69 6.33
CA ASP A 141 19.26 -6.12 4.99
C ASP A 141 17.99 -5.40 4.53
N ILE A 142 18.13 -4.13 4.21
CA ILE A 142 17.03 -3.33 3.66
C ILE A 142 15.84 -3.26 4.62
N LEU A 143 16.07 -2.69 5.80
CA LEU A 143 14.97 -2.38 6.70
C LEU A 143 13.93 -1.60 5.90
N ARG A 144 12.67 -2.03 5.98
CA ARG A 144 11.62 -1.47 5.12
C ARG A 144 10.24 -1.62 5.72
N THR A 145 9.27 -0.88 5.20
CA THR A 145 7.95 -0.85 5.81
C THR A 145 6.80 -0.85 4.78
N GLN A 146 5.64 -0.31 5.17
CA GLN A 146 4.39 -0.56 4.45
C GLN A 146 4.22 0.05 3.05
N GLU A 147 4.69 1.27 2.87
CA GLU A 147 4.40 2.06 1.67
C GLU A 147 2.91 2.36 1.56
N SER A 148 2.21 2.37 2.69
CA SER A 148 0.85 2.89 2.77
C SER A 148 0.57 3.29 4.21
N GLU A 149 -0.65 3.76 4.48
CA GLU A 149 -0.91 4.33 5.81
C GLU A 149 -0.86 3.28 6.92
N CYS A 150 -0.28 3.66 8.05
CA CYS A 150 -0.37 2.86 9.26
C CYS A 150 -1.72 3.16 9.91
N GLN A 151 -1.98 2.55 11.06
CA GLN A 151 -3.26 2.76 11.73
C GLN A 151 -3.04 3.06 13.20
N CYS A 152 -3.88 3.94 13.76
CA CYS A 152 -3.73 4.40 15.13
C CYS A 152 -5.04 4.19 15.86
N ILE A 153 -4.98 3.59 17.04
CA ILE A 153 -6.18 3.36 17.85
C ILE A 153 -5.97 3.87 19.26
N ASP A 154 -6.82 4.80 19.68
CA ASP A 154 -6.77 5.35 21.03
C ASP A 154 -5.38 5.90 21.36
N GLY A 155 -4.74 6.48 20.35
CA GLY A 155 -3.47 7.15 20.55
C GLY A 155 -2.25 6.29 20.31
N THR A 156 -2.44 5.00 20.08
CA THR A 156 -1.32 4.11 19.82
C THR A 156 -1.34 3.66 18.36
N CYS A 157 -0.27 3.97 17.64
CA CYS A 157 -0.18 3.62 16.22
C CYS A 157 0.58 2.32 16.03
N VAL A 158 0.15 1.52 15.06
CA VAL A 158 0.85 0.27 14.76
C VAL A 158 1.35 0.26 13.32
N VAL A 159 2.55 -0.25 13.14
CA VAL A 159 3.17 -0.27 11.82
C VAL A 159 4.01 -1.54 11.66
N ALA A 160 3.94 -2.13 10.47
CA ALA A 160 4.66 -3.38 10.19
C ALA A 160 5.96 -3.09 9.46
N VAL A 161 7.03 -3.74 9.89
CA VAL A 161 8.37 -3.48 9.39
C VAL A 161 9.08 -4.81 9.13
N THR A 162 9.92 -4.84 8.09
CA THR A 162 10.65 -6.05 7.72
C THR A 162 12.14 -5.75 7.54
N ASP A 163 12.99 -6.71 7.92
CA ASP A 163 14.42 -6.58 7.72
C ASP A 163 14.90 -7.99 7.39
N GLY A 164 15.61 -8.14 6.29
CA GLY A 164 16.03 -9.46 5.84
C GLY A 164 15.73 -9.70 4.38
N PRO A 165 16.03 -10.92 3.90
CA PRO A 165 15.98 -11.28 2.49
C PRO A 165 14.63 -11.03 1.80
N ALA A 166 14.71 -10.74 0.51
CA ALA A 166 13.52 -10.56 -0.32
C ALA A 166 12.90 -11.89 -0.72
N ALA A 167 13.70 -12.96 -0.73
CA ALA A 167 13.24 -14.26 -1.21
C ALA A 167 13.74 -15.42 -0.37
N ASN A 168 13.77 -15.20 0.94
CA ASN A 168 14.09 -16.24 1.90
C ASN A 168 13.55 -15.77 3.25
N SER A 169 13.72 -16.57 4.29
CA SER A 169 13.21 -16.21 5.61
C SER A 169 13.81 -14.88 6.08
N ALA A 170 12.93 -13.95 6.49
CA ALA A 170 13.36 -12.65 6.98
C ALA A 170 12.72 -12.41 8.35
N ASP A 171 12.99 -11.25 8.95
CA ASP A 171 12.36 -10.87 10.20
C ASP A 171 11.22 -9.90 9.92
N TYR A 172 10.07 -10.14 10.52
CA TYR A 172 8.92 -9.27 10.38
C TYR A 172 8.47 -8.83 11.77
N ARG A 173 8.24 -7.53 11.93
CA ARG A 173 7.86 -6.98 13.22
C ARG A 173 6.68 -6.04 13.13
N VAL A 174 5.92 -5.96 14.20
CA VAL A 174 4.98 -4.87 14.38
C VAL A 174 5.51 -3.97 15.50
N TYR A 175 5.50 -2.67 15.26
CA TYR A 175 5.88 -1.69 16.26
C TYR A 175 4.66 -0.91 16.73
N TRP A 176 4.57 -0.70 18.03
CA TRP A 176 3.53 0.11 18.62
C TRP A 176 4.18 1.42 19.02
N ILE A 177 3.59 2.53 18.57
CA ILE A 177 4.21 3.84 18.77
C ILE A 177 3.15 4.81 19.26
N ARG A 178 3.46 5.53 20.33
CA ARG A 178 2.51 6.44 20.94
C ARG A 178 3.11 7.83 21.07
N GLU A 179 2.47 8.83 20.46
CA GLU A 179 2.99 10.19 20.40
C GLU A 179 4.45 10.20 19.96
N GLY A 180 4.79 9.29 19.05
CA GLY A 180 6.10 9.29 18.43
C GLY A 180 7.14 8.46 19.16
N LYS A 181 6.76 7.91 20.31
CA LYS A 181 7.68 7.08 21.10
C LYS A 181 7.38 5.61 20.95
N ILE A 182 8.40 4.83 20.62
CA ILE A 182 8.22 3.41 20.49
C ILE A 182 7.94 2.80 21.86
N ILE A 183 6.83 2.09 21.96
CA ILE A 183 6.38 1.51 23.22
C ILE A 183 6.87 0.07 23.34
N LYS A 184 6.74 -0.67 22.24
CA LYS A 184 7.18 -2.05 22.19
C LYS A 184 7.16 -2.53 20.74
N TYR A 185 7.76 -3.69 20.48
CA TYR A 185 7.55 -4.38 19.22
C TYR A 185 7.29 -5.85 19.49
N GLU A 186 6.77 -6.53 18.49
CA GLU A 186 6.65 -7.98 18.53
C GLU A 186 7.17 -8.56 17.23
N ASN A 187 7.89 -9.66 17.32
CA ASN A 187 8.17 -10.43 16.13
C ASN A 187 6.90 -11.13 15.70
N VAL A 188 6.53 -10.99 14.44
CA VAL A 188 5.34 -11.65 13.92
C VAL A 188 5.55 -13.17 14.02
N PRO A 189 4.57 -13.89 14.59
CA PRO A 189 4.65 -15.35 14.65
C PRO A 189 4.88 -15.94 13.26
N LYS A 190 5.73 -16.97 13.18
CA LYS A 190 6.01 -17.60 11.90
C LYS A 190 5.33 -18.96 11.78
N THR A 191 4.33 -19.18 12.63
CA THR A 191 3.56 -20.42 12.59
C THR A 191 2.79 -20.55 11.28
N LYS A 192 2.34 -19.42 10.75
CA LYS A 192 1.61 -19.42 9.49
C LYS A 192 2.32 -18.58 8.44
N ILE A 193 2.53 -17.31 8.74
CA ILE A 193 3.18 -16.39 7.81
C ILE A 193 4.63 -16.74 7.63
N GLN A 194 5.07 -16.89 6.39
CA GLN A 194 6.44 -17.25 6.09
C GLN A 194 7.26 -16.11 5.51
N HIS A 195 6.58 -15.15 4.91
CA HIS A 195 7.24 -13.95 4.40
C HIS A 195 6.22 -12.82 4.36
N LEU A 196 6.65 -11.62 4.71
CA LEU A 196 5.74 -10.50 4.84
C LEU A 196 6.43 -9.20 4.52
N GLU A 197 5.79 -8.40 3.68
CA GLU A 197 6.26 -7.07 3.29
C GLU A 197 5.07 -6.18 2.97
N GLU A 198 5.29 -4.87 3.00
CA GLU A 198 4.35 -3.92 2.41
C GLU A 198 2.90 -4.14 2.79
N CYS A 199 2.65 -4.19 4.09
CA CYS A 199 1.30 -4.39 4.59
C CYS A 199 0.40 -3.22 4.25
N SER A 200 -0.82 -3.55 3.80
CA SER A 200 -1.88 -2.58 3.61
C SER A 200 -2.89 -2.78 4.74
N CYS A 201 -3.04 -1.78 5.60
CA CYS A 201 -3.83 -1.97 6.80
C CYS A 201 -5.05 -1.04 6.85
N TYR A 202 -6.04 -1.45 7.64
CA TYR A 202 -7.21 -0.63 7.90
C TYR A 202 -7.73 -0.98 9.29
N VAL A 203 -8.75 -0.26 9.74
CA VAL A 203 -9.35 -0.55 11.05
C VAL A 203 -10.78 -1.05 10.92
N ASP A 204 -11.05 -2.17 11.57
CA ASP A 204 -12.39 -2.73 11.68
C ASP A 204 -12.47 -3.24 13.12
N ILE A 205 -12.69 -2.31 14.04
CA ILE A 205 -12.48 -2.51 15.48
C ILE A 205 -11.00 -2.71 15.78
N ASP A 206 -10.44 -3.81 15.32
CA ASP A 206 -9.00 -4.04 15.42
C ASP A 206 -8.36 -3.60 14.11
N VAL A 207 -7.03 -3.52 14.12
CA VAL A 207 -6.29 -3.25 12.89
C VAL A 207 -6.14 -4.55 12.12
N TYR A 208 -6.45 -4.51 10.83
CA TYR A 208 -6.24 -5.64 9.94
C TYR A 208 -5.24 -5.24 8.88
N CYS A 209 -4.24 -6.10 8.65
CA CYS A 209 -3.24 -5.85 7.63
C CYS A 209 -3.24 -7.00 6.62
N ILE A 210 -3.28 -6.65 5.34
CA ILE A 210 -3.15 -7.65 4.29
C ILE A 210 -1.87 -7.31 3.50
N CYS A 211 -0.96 -8.27 3.39
CA CYS A 211 0.40 -7.93 2.98
C CYS A 211 0.87 -8.68 1.73
N ARG A 212 2.19 -8.63 1.51
CA ARG A 212 2.83 -9.25 0.35
C ARG A 212 3.82 -10.31 0.83
N ASP A 213 3.62 -11.55 0.38
CA ASP A 213 4.59 -12.61 0.62
C ASP A 213 5.42 -12.69 -0.65
N ASN A 214 6.70 -12.34 -0.57
CA ASN A 214 7.53 -12.22 -1.76
C ASN A 214 8.30 -13.48 -2.09
N TRP A 215 8.04 -14.54 -1.33
CA TRP A 215 8.87 -15.73 -1.35
C TRP A 215 8.12 -16.95 -1.90
N LYS A 216 7.25 -17.53 -1.10
CA LYS A 216 6.50 -18.72 -1.52
C LYS A 216 4.99 -18.54 -1.68
N GLY A 217 4.48 -17.35 -1.38
CA GLY A 217 3.03 -17.18 -1.37
C GLY A 217 2.44 -16.36 -2.50
N SER A 218 1.57 -16.96 -3.29
CA SER A 218 0.78 -16.23 -4.26
C SER A 218 -0.50 -15.72 -3.61
N ASN A 219 -0.82 -16.29 -2.45
CA ASN A 219 -1.86 -15.78 -1.57
C ASN A 219 -1.24 -14.76 -0.62
N ARG A 220 -2.06 -13.85 -0.08
CA ARG A 220 -1.55 -12.78 0.76
C ARG A 220 -1.62 -13.12 2.24
N PRO A 221 -0.53 -12.86 2.97
CA PRO A 221 -0.52 -13.01 4.44
C PRO A 221 -1.36 -11.92 5.08
N TRP A 222 -1.87 -12.15 6.29
CA TRP A 222 -2.62 -11.11 6.99
C TRP A 222 -2.41 -11.18 8.49
N MET A 223 -2.67 -10.07 9.17
CA MET A 223 -2.57 -10.00 10.62
C MET A 223 -3.75 -9.23 11.16
N ARG A 224 -4.17 -9.58 12.37
CA ARG A 224 -5.15 -8.80 13.10
C ARG A 224 -4.44 -8.33 14.36
N ILE A 225 -4.49 -7.02 14.61
CA ILE A 225 -3.69 -6.40 15.66
C ILE A 225 -4.53 -5.41 16.46
N ASN A 226 -4.32 -5.34 17.78
CA ASN A 226 -4.92 -4.27 18.58
C ASN A 226 -3.86 -3.31 19.14
N ASN A 227 -4.24 -2.45 20.08
CA ASN A 227 -3.30 -1.47 20.60
C ASN A 227 -2.21 -2.05 21.51
N GLU A 228 -2.21 -3.38 21.65
CA GLU A 228 -1.31 -4.03 22.59
C GLU A 228 -0.54 -5.22 22.03
N THR A 229 -1.13 -5.94 21.08
CA THR A 229 -0.49 -7.17 20.63
C THR A 229 -1.03 -7.66 19.29
N ILE A 230 -0.33 -8.61 18.68
CA ILE A 230 -0.85 -9.30 17.51
C ILE A 230 -1.84 -10.36 17.97
N LEU A 231 -3.06 -10.32 17.45
CA LEU A 231 -4.13 -11.20 17.91
C LEU A 231 -4.24 -12.49 17.09
N GLU A 232 -4.01 -12.36 15.79
CA GLU A 232 -4.27 -13.46 14.87
C GLU A 232 -3.41 -13.24 13.63
N THR A 233 -3.01 -14.33 12.98
CA THR A 233 -2.31 -14.26 11.70
C THR A 233 -2.82 -15.35 10.77
N GLY A 234 -2.49 -15.23 9.49
CA GLY A 234 -2.85 -16.25 8.52
C GLY A 234 -2.51 -15.83 7.11
N TYR A 235 -3.01 -16.58 6.14
CA TYR A 235 -3.05 -16.15 4.74
C TYR A 235 -4.51 -16.07 4.35
N VAL A 236 -4.85 -15.20 3.41
CA VAL A 236 -6.24 -15.07 3.00
C VAL A 236 -6.72 -16.38 2.39
N CYS A 237 -7.81 -16.94 2.96
CA CYS A 237 -8.27 -18.28 2.57
C CYS A 237 -8.64 -18.39 1.09
N SER A 238 -9.16 -17.30 0.53
CA SER A 238 -9.68 -17.30 -0.84
C SER A 238 -8.86 -18.15 -1.81
N LYS A 239 -9.51 -19.12 -2.45
CA LYS A 239 -8.85 -19.93 -3.47
C LYS A 239 -8.62 -19.11 -4.74
N PHE A 240 -9.18 -17.91 -4.78
CA PHE A 240 -8.83 -16.93 -5.79
C PHE A 240 -7.77 -16.03 -5.20
N HIS A 241 -6.53 -16.23 -5.63
CA HIS A 241 -5.38 -15.52 -5.06
C HIS A 241 -5.28 -14.10 -5.60
N SER A 242 -4.50 -13.26 -4.92
CA SER A 242 -4.49 -11.86 -5.32
C SER A 242 -3.12 -11.17 -5.34
N ASP A 243 -2.04 -11.93 -5.18
CA ASP A 243 -0.72 -11.38 -5.42
C ASP A 243 -0.45 -11.40 -6.93
N THR A 244 0.66 -10.80 -7.34
CA THR A 244 1.13 -10.90 -8.72
C THR A 244 2.63 -11.11 -8.65
N PRO A 245 3.13 -12.24 -9.19
CA PRO A 245 2.42 -13.27 -9.96
C PRO A 245 1.53 -14.16 -9.09
N ARG A 246 0.69 -14.95 -9.74
CA ARG A 246 -0.19 -15.88 -9.06
C ARG A 246 -0.68 -16.90 -10.07
N PRO A 247 -1.23 -18.02 -9.60
CA PRO A 247 -1.83 -19.02 -10.50
C PRO A 247 -3.16 -18.55 -11.08
N ALA A 248 -3.59 -19.21 -12.16
CA ALA A 248 -4.94 -18.98 -12.69
C ALA A 248 -6.00 -19.36 -11.65
N ASP A 249 -7.16 -18.72 -11.72
CA ASP A 249 -8.30 -19.10 -10.89
C ASP A 249 -8.88 -20.43 -11.36
N PRO A 250 -9.31 -21.29 -10.42
CA PRO A 250 -9.12 -21.20 -8.98
C PRO A 250 -7.82 -21.88 -8.61
N SER A 251 -7.22 -21.47 -7.51
CA SER A 251 -6.02 -22.13 -7.03
C SER A 251 -6.33 -22.76 -5.67
N THR A 252 -5.32 -22.85 -4.81
CA THR A 252 -5.46 -23.55 -3.55
C THR A 252 -6.15 -22.69 -2.48
N MET A 253 -6.94 -23.34 -1.63
CA MET A 253 -7.47 -22.70 -0.43
C MET A 253 -6.42 -22.86 0.65
N SER A 254 -5.67 -21.79 0.89
CA SER A 254 -4.51 -21.87 1.76
C SER A 254 -4.63 -20.85 2.88
N CYS A 255 -5.31 -21.24 3.95
CA CYS A 255 -5.62 -20.34 5.06
C CYS A 255 -4.44 -20.16 6.01
N ASP A 256 -3.53 -21.13 6.03
CA ASP A 256 -2.56 -21.21 7.12
C ASP A 256 -1.11 -21.29 6.67
N SER A 257 -0.87 -21.13 5.36
CA SER A 257 0.48 -21.23 4.83
C SER A 257 0.52 -20.62 3.43
N PRO A 258 1.73 -20.29 2.96
CA PRO A 258 1.87 -19.80 1.58
C PRO A 258 1.45 -20.89 0.59
N SER A 259 0.91 -20.48 -0.55
CA SER A 259 0.45 -21.44 -1.57
C SER A 259 1.57 -22.36 -2.07
N ASN A 260 2.80 -21.84 -2.13
CA ASN A 260 3.93 -22.57 -2.72
C ASN A 260 3.78 -22.75 -4.22
N VAL A 261 2.93 -21.93 -4.85
CA VAL A 261 2.80 -21.95 -6.31
C VAL A 261 2.85 -20.52 -6.85
N ASN A 262 3.68 -20.29 -7.86
CA ASN A 262 3.93 -18.93 -8.36
C ASN A 262 4.22 -17.98 -7.22
N GLY A 263 5.04 -18.42 -6.28
CA GLY A 263 5.16 -17.76 -5.00
C GLY A 263 5.95 -16.46 -4.99
N GLY A 264 6.96 -16.34 -5.85
CA GLY A 264 7.79 -15.15 -5.85
C GLY A 264 7.77 -14.49 -7.21
N PRO A 265 7.90 -13.15 -7.27
CA PRO A 265 8.01 -12.21 -6.14
C PRO A 265 6.65 -11.75 -5.63
N GLY A 266 6.20 -10.56 -6.04
CA GLY A 266 4.90 -10.10 -5.59
C GLY A 266 4.67 -8.64 -5.94
N VAL A 267 3.57 -8.10 -5.45
CA VAL A 267 3.27 -6.67 -5.58
C VAL A 267 2.48 -6.27 -4.34
N LYS A 268 2.64 -5.03 -3.90
CA LYS A 268 1.84 -4.58 -2.76
C LYS A 268 0.38 -4.54 -3.19
N GLY A 269 -0.50 -5.08 -2.34
CA GLY A 269 -1.91 -5.08 -2.61
C GLY A 269 -2.68 -5.00 -1.30
N PHE A 270 -3.99 -5.16 -1.37
CA PHE A 270 -4.83 -4.96 -0.20
C PHE A 270 -6.07 -5.82 -0.26
N GLY A 271 -6.83 -5.80 0.83
CA GLY A 271 -8.13 -6.45 0.86
C GLY A 271 -8.95 -5.92 2.01
N PHE A 272 -10.23 -6.29 2.04
CA PHE A 272 -11.10 -5.96 3.17
C PHE A 272 -11.93 -7.18 3.52
N LYS A 273 -11.80 -7.63 4.77
CA LYS A 273 -12.69 -8.66 5.30
C LYS A 273 -14.07 -8.08 5.46
N ALA A 274 -15.09 -8.83 5.08
CA ALA A 274 -16.46 -8.39 5.25
C ALA A 274 -17.30 -9.58 5.72
N GLY A 275 -17.47 -9.69 7.03
CA GLY A 275 -18.07 -10.88 7.61
C GLY A 275 -17.15 -12.05 7.32
N ASP A 276 -17.70 -13.11 6.74
CA ASP A 276 -16.90 -14.28 6.33
C ASP A 276 -16.36 -14.11 4.91
N ASP A 277 -16.79 -13.05 4.23
CA ASP A 277 -16.35 -12.81 2.85
C ASP A 277 -15.08 -11.97 2.84
N VAL A 278 -14.47 -11.81 1.67
CA VAL A 278 -13.33 -10.91 1.55
C VAL A 278 -13.32 -10.22 0.20
N TRP A 279 -12.97 -8.94 0.21
CA TRP A 279 -12.74 -8.20 -1.03
C TRP A 279 -11.24 -8.14 -1.26
N LEU A 280 -10.81 -8.42 -2.48
CA LEU A 280 -9.39 -8.44 -2.79
C LEU A 280 -9.09 -7.64 -4.06
N GLY A 281 -8.16 -6.71 -3.98
CA GLY A 281 -7.70 -6.02 -5.18
C GLY A 281 -6.67 -6.89 -5.88
N ARG A 282 -6.60 -6.78 -7.21
CA ARG A 282 -5.52 -7.46 -7.91
C ARG A 282 -5.34 -6.94 -9.32
N THR A 283 -4.13 -7.11 -9.85
CA THR A 283 -3.90 -6.83 -11.25
C THR A 283 -4.79 -7.77 -12.06
N VAL A 284 -5.17 -7.36 -13.27
CA VAL A 284 -5.95 -8.25 -14.12
C VAL A 284 -5.06 -9.40 -14.61
N SER A 285 -3.84 -9.06 -15.03
CA SER A 285 -2.87 -10.08 -15.42
C SER A 285 -2.41 -10.93 -14.24
N THR A 286 -2.19 -12.22 -14.47
CA THR A 286 -1.66 -13.08 -13.43
C THR A 286 -0.14 -13.02 -13.35
N SER A 287 0.48 -12.37 -14.35
CA SER A 287 1.93 -12.38 -14.44
C SER A 287 2.55 -11.00 -14.31
N GLY A 288 1.84 -9.98 -14.79
CA GLY A 288 2.38 -8.63 -14.84
C GLY A 288 1.55 -7.60 -14.10
N ARG A 289 2.11 -6.42 -13.92
CA ARG A 289 1.43 -5.32 -13.26
C ARG A 289 0.63 -4.52 -14.26
N SER A 290 -0.36 -5.18 -14.87
CA SER A 290 -1.27 -4.51 -15.79
C SER A 290 -2.70 -4.77 -15.35
N GLY A 291 -3.55 -3.77 -15.56
CA GLY A 291 -4.94 -3.88 -15.21
C GLY A 291 -5.14 -3.78 -13.71
N PHE A 292 -6.36 -3.47 -13.30
CA PHE A 292 -6.73 -3.57 -11.91
C PHE A 292 -8.20 -3.86 -11.74
N GLU A 293 -8.50 -4.84 -10.90
CA GLU A 293 -9.86 -5.22 -10.62
C GLU A 293 -9.98 -5.45 -9.12
N ILE A 294 -11.20 -5.36 -8.60
CA ILE A 294 -11.42 -5.80 -7.23
C ILE A 294 -12.52 -6.85 -7.24
N ILE A 295 -12.26 -7.95 -6.55
CA ILE A 295 -13.21 -9.06 -6.49
C ILE A 295 -13.76 -9.23 -5.09
N LYS A 296 -15.02 -9.66 -4.99
CA LYS A 296 -15.56 -10.09 -3.71
C LYS A 296 -15.69 -11.60 -3.76
N VAL A 297 -15.10 -12.27 -2.78
CA VAL A 297 -15.18 -13.73 -2.70
C VAL A 297 -16.08 -14.16 -1.55
N THR A 298 -17.18 -14.82 -1.87
CA THR A 298 -18.10 -15.31 -0.86
C THR A 298 -17.39 -16.32 0.03
N GLU A 299 -17.46 -16.10 1.34
CA GLU A 299 -16.79 -16.92 2.35
C GLU A 299 -15.27 -16.98 2.14
N GLY A 300 -14.74 -16.00 1.42
CA GLY A 300 -13.32 -16.00 1.09
C GLY A 300 -12.38 -15.75 2.26
N TRP A 301 -12.93 -15.33 3.41
CA TRP A 301 -12.08 -15.10 4.57
C TRP A 301 -11.89 -16.38 5.38
N ILE A 302 -12.77 -17.34 5.16
CA ILE A 302 -12.75 -18.54 6.00
C ILE A 302 -12.47 -19.81 5.22
N ASN A 303 -12.18 -20.86 5.97
CA ASN A 303 -12.01 -22.19 5.41
C ASN A 303 -13.37 -22.76 5.03
N SER A 304 -13.61 -22.86 3.73
CA SER A 304 -14.94 -23.19 3.22
C SER A 304 -14.82 -23.76 1.81
N PRO A 305 -15.70 -24.70 1.47
CA PRO A 305 -15.70 -25.22 0.10
C PRO A 305 -16.53 -24.33 -0.84
N ASN A 306 -17.05 -23.23 -0.33
CA ASN A 306 -18.01 -22.42 -1.06
C ASN A 306 -17.49 -21.12 -1.68
N HIS A 307 -16.17 -20.96 -1.76
CA HIS A 307 -15.64 -19.72 -2.33
C HIS A 307 -16.16 -19.50 -3.75
N VAL A 308 -16.70 -18.33 -4.02
CA VAL A 308 -17.07 -17.97 -5.38
C VAL A 308 -16.86 -16.47 -5.55
N LYS A 309 -16.42 -16.05 -6.73
CA LYS A 309 -16.30 -14.62 -7.00
C LYS A 309 -17.67 -14.06 -7.31
N SER A 310 -18.28 -13.41 -6.33
CA SER A 310 -19.65 -12.92 -6.45
C SER A 310 -19.71 -11.59 -7.19
N ILE A 311 -18.60 -10.85 -7.14
CA ILE A 311 -18.49 -9.56 -7.83
C ILE A 311 -17.08 -9.38 -8.38
N THR A 312 -16.99 -8.80 -9.57
CA THR A 312 -15.71 -8.34 -10.10
C THR A 312 -15.92 -6.96 -10.70
N GLN A 313 -15.27 -5.95 -10.13
CA GLN A 313 -15.25 -4.64 -10.77
C GLN A 313 -13.91 -4.46 -11.45
N THR A 314 -13.95 -4.20 -12.76
CA THR A 314 -12.73 -3.92 -13.50
C THR A 314 -12.56 -2.42 -13.60
N LEU A 315 -11.51 -1.91 -12.96
CA LEU A 315 -11.34 -0.46 -12.78
C LEU A 315 -10.25 0.12 -13.67
N VAL A 316 -9.25 -0.71 -13.99
CA VAL A 316 -8.21 -0.35 -14.95
C VAL A 316 -8.08 -1.54 -15.90
N SER A 317 -8.23 -1.28 -17.21
CA SER A 317 -8.23 -2.37 -18.17
C SER A 317 -6.85 -3.03 -18.24
N ASN A 318 -6.84 -4.30 -18.65
CA ASN A 318 -5.58 -5.03 -18.77
C ASN A 318 -4.70 -4.48 -19.89
N ASN A 319 -5.23 -3.54 -20.67
CA ASN A 319 -4.42 -2.87 -21.68
C ASN A 319 -3.66 -1.68 -21.10
N ASP A 320 -3.84 -1.47 -19.79
CA ASP A 320 -3.23 -0.34 -19.11
C ASP A 320 -2.38 -0.80 -17.93
N TRP A 321 -1.34 -0.02 -17.63
CA TRP A 321 -0.41 -0.39 -16.55
C TRP A 321 -0.99 -0.03 -15.19
N SER A 322 -0.76 -0.90 -14.21
CA SER A 322 -1.12 -0.58 -12.85
C SER A 322 0.14 -0.56 -11.98
N GLY A 323 0.12 -1.23 -10.84
CA GLY A 323 1.24 -1.17 -9.92
C GLY A 323 0.78 -1.50 -8.52
N TYR A 324 1.38 -0.84 -7.54
CA TYR A 324 1.01 -1.00 -6.13
C TYR A 324 -0.43 -0.58 -5.88
N SER A 325 -1.04 -1.14 -4.85
CA SER A 325 -2.33 -0.67 -4.36
C SER A 325 -2.38 -0.84 -2.86
N GLY A 326 -3.18 -0.03 -2.19
CA GLY A 326 -3.22 -0.06 -0.74
C GLY A 326 -4.51 0.50 -0.20
N SER A 327 -4.83 0.14 1.03
CA SER A 327 -6.05 0.58 1.69
C SER A 327 -5.81 1.89 2.43
N PHE A 328 -6.87 2.68 2.55
CA PHE A 328 -6.92 3.75 3.53
C PHE A 328 -8.35 3.88 4.02
N ILE A 329 -8.53 4.48 5.19
CA ILE A 329 -9.87 4.63 5.72
C ILE A 329 -10.23 6.10 5.92
N VAL A 330 -11.52 6.38 5.87
CA VAL A 330 -12.02 7.73 6.11
C VAL A 330 -13.12 7.62 7.16
N LYS A 331 -13.05 8.46 8.18
CA LYS A 331 -14.02 8.35 9.27
C LYS A 331 -15.40 8.82 8.81
N ALA A 332 -16.39 7.95 9.00
CA ALA A 332 -17.77 8.33 8.77
C ALA A 332 -18.36 8.70 10.11
N LYS A 333 -19.66 8.49 10.29
CA LYS A 333 -20.27 8.81 11.58
C LYS A 333 -19.67 7.93 12.67
N ASP A 334 -20.10 6.68 12.72
CA ASP A 334 -19.64 5.75 13.74
C ASP A 334 -18.99 4.52 13.13
N CYS A 335 -18.43 4.70 11.93
CA CYS A 335 -17.70 3.62 11.27
C CYS A 335 -16.62 4.20 10.36
N PHE A 336 -15.69 3.35 9.93
CA PHE A 336 -14.66 3.77 8.98
C PHE A 336 -15.04 3.29 7.58
N GLN A 337 -14.94 4.18 6.61
CA GLN A 337 -15.22 3.83 5.23
C GLN A 337 -13.97 3.26 4.56
N PRO A 338 -14.09 2.08 3.93
CA PRO A 338 -12.92 1.50 3.26
C PRO A 338 -12.67 2.16 1.90
N CYS A 339 -11.44 2.59 1.67
CA CYS A 339 -11.05 3.16 0.37
C CYS A 339 -9.74 2.54 -0.05
N PHE A 340 -9.37 2.73 -1.31
CA PHE A 340 -8.04 2.32 -1.77
C PHE A 340 -7.50 3.20 -2.88
N TYR A 341 -6.20 3.10 -3.11
CA TYR A 341 -5.56 3.79 -4.21
C TYR A 341 -4.91 2.73 -5.09
N VAL A 342 -4.70 3.08 -6.35
CA VAL A 342 -3.92 2.26 -7.25
C VAL A 342 -2.84 3.13 -7.85
N GLU A 343 -1.60 2.65 -7.76
CA GLU A 343 -0.45 3.27 -8.40
C GLU A 343 -0.42 2.85 -9.86
N LEU A 344 -0.35 3.81 -10.76
CA LEU A 344 -0.33 3.53 -12.19
C LEU A 344 1.06 3.87 -12.71
N ILE A 345 1.91 2.84 -12.80
CA ILE A 345 3.31 3.01 -13.14
C ILE A 345 3.53 3.20 -14.64
N ARG A 346 4.25 4.26 -15.01
CA ARG A 346 4.68 4.45 -16.39
C ARG A 346 6.20 4.56 -16.46
N GLY A 347 6.78 4.15 -17.59
CA GLY A 347 8.21 4.18 -17.75
C GLY A 347 8.82 2.82 -17.49
N ARG A 348 10.12 2.78 -17.22
CA ARG A 348 10.83 1.52 -17.06
C ARG A 348 10.32 0.73 -15.85
N PRO A 349 10.21 -0.60 -15.99
CA PRO A 349 10.65 -1.38 -17.15
C PRO A 349 9.49 -1.79 -18.05
N ASN A 350 8.41 -0.99 -18.08
CA ASN A 350 7.20 -1.40 -18.80
C ASN A 350 7.41 -1.48 -20.30
N LYS A 351 7.01 -2.60 -20.88
CA LYS A 351 7.22 -2.83 -22.30
C LYS A 351 6.56 -1.72 -23.13
N ASN A 352 7.34 -1.13 -24.02
CA ASN A 352 6.87 -0.09 -24.93
C ASN A 352 6.72 1.30 -24.32
N ASP A 353 6.98 1.44 -23.01
CA ASP A 353 7.11 2.77 -22.42
C ASP A 353 8.55 3.25 -22.66
N ASP A 354 8.78 3.83 -23.84
CA ASP A 354 10.13 4.15 -24.30
C ASP A 354 10.62 5.49 -23.74
N VAL A 355 10.84 5.51 -22.43
CA VAL A 355 11.42 6.67 -21.75
C VAL A 355 12.47 6.15 -20.77
N SER A 356 13.32 7.04 -20.26
CA SER A 356 14.42 6.60 -19.41
C SER A 356 14.04 6.62 -17.93
N TRP A 357 12.92 7.27 -17.63
CA TRP A 357 12.49 7.43 -16.24
C TRP A 357 11.45 6.39 -15.83
N THR A 358 11.13 6.40 -14.53
CA THR A 358 10.08 5.58 -13.96
C THR A 358 9.30 6.46 -13.00
N SER A 359 7.99 6.54 -13.18
CA SER A 359 7.16 7.33 -12.27
C SER A 359 5.75 6.74 -12.22
N ASN A 360 4.80 7.46 -11.63
CA ASN A 360 3.45 6.93 -11.52
C ASN A 360 2.43 8.05 -11.46
N SER A 361 1.18 7.69 -11.73
CA SER A 361 0.05 8.54 -11.34
C SER A 361 -0.78 7.76 -10.34
N ILE A 362 -1.87 8.33 -9.88
CA ILE A 362 -2.70 7.73 -8.83
C ILE A 362 -4.16 7.78 -9.22
N VAL A 363 -4.90 6.73 -8.90
CA VAL A 363 -6.36 6.80 -8.94
C VAL A 363 -6.88 6.18 -7.64
N THR A 364 -8.02 6.65 -7.15
CA THR A 364 -8.54 6.18 -5.88
C THR A 364 -10.03 5.84 -5.95
N PHE A 365 -10.47 4.95 -5.08
CA PHE A 365 -11.86 4.50 -5.03
C PHE A 365 -12.29 4.34 -3.57
N CYS A 366 -13.58 4.60 -3.30
CA CYS A 366 -14.12 4.40 -1.97
C CYS A 366 -15.34 3.48 -1.99
N GLY A 367 -15.56 2.78 -0.88
CA GLY A 367 -16.67 1.85 -0.77
C GLY A 367 -17.93 2.51 -0.27
N LEU A 368 -19.06 2.19 -0.90
CA LEU A 368 -20.37 2.64 -0.44
C LEU A 368 -21.32 1.44 -0.44
N ASP A 369 -22.40 1.55 0.31
CA ASP A 369 -23.40 0.47 0.34
C ASP A 369 -24.42 0.63 -0.80
N ASN A 370 -23.92 1.01 -1.97
CA ASN A 370 -24.73 1.20 -3.18
C ASN A 370 -24.13 0.40 -4.31
N GLU A 371 -24.93 0.15 -5.35
CA GLU A 371 -24.45 -0.52 -6.55
C GLU A 371 -23.69 0.45 -7.43
N PRO A 372 -22.48 0.06 -7.87
CA PRO A 372 -21.69 0.94 -8.73
C PRO A 372 -22.06 0.80 -10.21
N GLY A 373 -21.61 1.78 -11.00
CA GLY A 373 -21.67 1.67 -12.44
C GLY A 373 -20.38 1.04 -12.92
N SER A 374 -19.93 1.42 -14.10
CA SER A 374 -18.68 0.87 -14.61
C SER A 374 -17.93 1.88 -15.47
N GLY A 375 -16.63 1.68 -15.56
CA GLY A 375 -15.76 2.55 -16.33
C GLY A 375 -14.34 2.04 -16.31
N ASN A 376 -13.42 2.90 -16.75
CA ASN A 376 -12.03 2.56 -16.87
C ASN A 376 -11.27 3.85 -16.57
N TRP A 377 -10.36 3.81 -15.59
CA TRP A 377 -9.62 5.02 -15.19
C TRP A 377 -8.13 4.75 -15.11
N PRO A 378 -7.49 4.56 -16.28
CA PRO A 378 -6.06 4.26 -16.35
C PRO A 378 -5.25 5.54 -16.31
N ASP A 379 -3.93 5.41 -16.38
CA ASP A 379 -3.03 6.58 -16.35
C ASP A 379 -3.41 7.59 -17.43
N GLY A 380 -3.60 7.12 -18.64
CA GLY A 380 -4.05 7.97 -19.73
C GLY A 380 -2.98 8.71 -20.52
N SER A 381 -1.71 8.53 -20.16
CA SER A 381 -0.64 9.20 -20.89
C SER A 381 -0.33 8.49 -22.21
N ASN A 382 -0.08 9.29 -23.23
CA ASN A 382 0.51 8.78 -24.47
C ASN A 382 2.03 8.89 -24.32
N ILE A 383 2.68 7.76 -24.07
CA ILE A 383 4.10 7.80 -23.72
C ILE A 383 4.94 8.46 -24.82
N GLY A 384 4.44 8.37 -26.05
CA GLY A 384 5.13 8.98 -27.18
C GLY A 384 5.14 10.50 -27.15
N PHE A 385 4.28 11.08 -26.31
CA PHE A 385 4.21 12.54 -26.16
C PHE A 385 5.20 13.06 -25.11
N MET A 386 5.74 12.15 -24.30
CA MET A 386 6.53 12.54 -23.14
C MET A 386 8.00 12.80 -23.43
N PRO A 387 8.59 13.76 -22.71
CA PRO A 387 10.05 13.90 -22.74
C PRO A 387 10.63 12.62 -22.17
N LYS A 388 11.71 12.11 -22.76
CA LYS A 388 12.24 10.81 -22.39
C LYS A 388 13.24 10.88 -21.24
#